data_6W5K
#
_entry.id   6W5K
#
_cell.length_a   37.697
_cell.length_b   124.899
_cell.length_c   64.137
_cell.angle_alpha   90.000
_cell.angle_beta   93.090
_cell.angle_gamma   90.000
#
_symmetry.space_group_name_H-M   'P 1 21 1'
#
loop_
_entity.id
_entity.type
_entity.pdbx_description
1 polymer '3C-LIKE PROTEASE'
2 non-polymer N~2~-{[2-(3-chlorophenyl)-2-methylpropoxy]carbonyl}-N-{(1R,2S)-1-hydroxy-3-[(3S)-2-oxopyrrolidin-3-yl]-1-sulfanylpropan-2-yl}-L-leucinamide
3 water water
#
_entity_poly.entity_id   1
_entity_poly.type   'polypeptide(L)'
_entity_poly.pdbx_seq_one_letter_code
;HHHHHHAPPTLWSRVTKFGSGWGFWVSPTVFITTTHVVPTGVKEFFGEPLSSIAIHQAGEFTQFRFSKKMRPDLTGMVLE
EGCPEGTVCSVLIKRDSGELLPLAVRMGAIASMRIQGRLVHGQSGMLLTGANAKGMDLGTIPGDCGAPYVHKRGNDWVVC
GVHAAATKSGNTVVCAVQAGEGETALE
;
_entity_poly.pdbx_strand_id   A,B,C,D
#
# COMPACT_ATOMS: atom_id res chain seq x y z
N HIS A 6 16.12 -23.78 -19.78
CA HIS A 6 15.64 -23.35 -18.43
C HIS A 6 16.32 -22.03 -18.04
N ALA A 7 15.58 -21.15 -17.34
CA ALA A 7 16.04 -19.80 -17.07
C ALA A 7 16.46 -19.64 -15.61
N PRO A 8 17.58 -18.95 -15.35
CA PRO A 8 17.99 -18.77 -13.96
C PRO A 8 17.11 -17.72 -13.29
N PRO A 9 17.00 -17.76 -11.95
CA PRO A 9 16.24 -16.72 -11.26
C PRO A 9 16.69 -15.32 -11.62
N THR A 10 17.99 -15.11 -11.82
CA THR A 10 18.49 -13.78 -12.13
C THR A 10 17.91 -13.24 -13.43
N LEU A 11 17.73 -14.11 -14.43
CA LEU A 11 17.12 -13.66 -15.69
C LEU A 11 15.66 -13.26 -15.47
N TRP A 12 14.88 -14.10 -14.78
CA TRP A 12 13.53 -13.71 -14.40
C TRP A 12 13.50 -12.41 -13.58
N SER A 13 14.52 -12.17 -12.75
CA SER A 13 14.54 -10.95 -11.93
C SER A 13 14.75 -9.69 -12.79
N ARG A 14 15.15 -9.85 -14.05
CA ARG A 14 15.23 -8.72 -14.97
C ARG A 14 13.87 -8.24 -15.44
N VAL A 15 12.85 -9.08 -15.30
CA VAL A 15 11.48 -8.75 -15.69
C VAL A 15 10.83 -7.94 -14.59
N THR A 16 10.28 -6.79 -14.96
CA THR A 16 9.94 -5.73 -14.04
C THR A 16 8.56 -5.20 -14.43
N LYS A 17 7.69 -5.05 -13.44
CA LYS A 17 6.40 -4.40 -13.67
C LYS A 17 6.61 -2.92 -13.95
N PHE A 18 5.87 -2.40 -14.93
CA PHE A 18 6.17 -1.09 -15.50
C PHE A 18 4.96 -0.61 -16.29
N GLY A 19 4.48 0.59 -15.98
CA GLY A 19 3.29 1.09 -16.63
C GLY A 19 2.16 0.08 -16.54
N SER A 20 1.50 -0.15 -17.67
CA SER A 20 0.41 -1.11 -17.78
C SER A 20 0.88 -2.50 -18.18
N GLY A 21 2.18 -2.77 -18.09
CA GLY A 21 2.73 -4.06 -18.46
C GLY A 21 4.06 -4.29 -17.76
N TRP A 22 5.10 -4.62 -18.53
CA TRP A 22 6.39 -5.02 -17.99
C TRP A 22 7.51 -4.40 -18.80
N GLY A 23 8.72 -4.52 -18.25
CA GLY A 23 9.96 -4.16 -18.91
C GLY A 23 11.04 -5.16 -18.52
N PHE A 24 12.23 -4.96 -19.08
CA PHE A 24 13.27 -5.97 -18.97
C PHE A 24 14.63 -5.28 -18.97
N TRP A 25 15.40 -5.52 -17.91
CA TRP A 25 16.73 -4.96 -17.77
C TRP A 25 17.70 -5.76 -18.64
N VAL A 26 18.06 -5.19 -19.79
CA VAL A 26 19.08 -5.79 -20.64
C VAL A 26 20.41 -5.85 -19.91
N SER A 27 20.66 -4.90 -19.00
CA SER A 27 21.93 -4.66 -18.35
C SER A 27 21.68 -3.74 -17.16
N PRO A 28 22.71 -3.30 -16.43
CA PRO A 28 22.44 -2.41 -15.27
C PRO A 28 21.93 -1.05 -15.67
N THR A 29 22.10 -0.68 -16.96
CA THR A 29 21.75 0.64 -17.46
C THR A 29 20.69 0.65 -18.56
N VAL A 30 20.44 -0.45 -19.24
CA VAL A 30 19.52 -0.46 -20.39
C VAL A 30 18.24 -1.21 -20.02
N PHE A 31 17.10 -0.55 -20.21
CA PHE A 31 15.77 -1.07 -19.94
C PHE A 31 14.97 -1.02 -21.24
N ILE A 32 14.30 -2.12 -21.59
CA ILE A 32 13.43 -2.16 -22.77
C ILE A 32 12.02 -2.55 -22.35
N THR A 33 11.05 -2.11 -23.15
CA THR A 33 9.62 -2.33 -22.89
C THR A 33 8.84 -1.98 -24.16
N THR A 34 7.51 -2.16 -24.11
CA THR A 34 6.61 -1.94 -25.25
C THR A 34 5.96 -0.56 -25.10
N THR A 35 5.87 0.17 -26.22
CA THR A 35 5.63 1.61 -26.14
C THR A 35 4.29 1.92 -25.49
N HIS A 36 3.22 1.26 -25.94
CA HIS A 36 1.90 1.60 -25.39
C HIS A 36 1.82 1.35 -23.88
N VAL A 37 2.77 0.62 -23.31
CA VAL A 37 2.76 0.39 -21.86
C VAL A 37 3.40 1.53 -21.09
N VAL A 38 4.16 2.39 -21.76
CA VAL A 38 4.96 3.40 -21.09
C VAL A 38 4.08 4.54 -20.62
N PRO A 39 4.26 5.05 -19.39
CA PRO A 39 3.46 6.19 -18.93
C PRO A 39 3.71 7.46 -19.75
N THR A 40 2.63 8.08 -20.20
CA THR A 40 2.74 9.30 -20.98
C THR A 40 3.30 10.44 -20.13
N VAL A 42 5.27 11.54 -17.66
CA VAL A 42 5.94 11.62 -16.37
C VAL A 42 7.22 12.44 -16.49
N LYS A 43 7.73 12.88 -15.34
CA LYS A 43 8.97 13.65 -15.26
C LYS A 43 10.20 12.78 -15.08
N GLU A 44 10.03 11.52 -14.66
CA GLU A 44 11.14 10.67 -14.28
C GLU A 44 10.76 9.21 -14.48
N PHE A 45 11.78 8.34 -14.49
CA PHE A 45 11.60 6.90 -14.60
C PHE A 45 12.51 6.23 -13.59
N PHE A 46 11.94 5.38 -12.73
CA PHE A 46 12.70 4.72 -11.68
C PHE A 46 13.43 5.74 -10.83
N GLY A 47 12.89 6.95 -10.75
CA GLY A 47 13.51 8.07 -10.07
C GLY A 47 14.34 8.98 -10.97
N GLU A 48 15.04 8.40 -11.94
CA GLU A 48 15.90 9.20 -12.81
C GLU A 48 15.05 10.16 -13.67
N PRO A 49 15.47 11.41 -13.81
CA PRO A 49 14.76 12.33 -14.71
C PRO A 49 15.23 12.19 -16.15
N LEU A 50 14.27 12.30 -17.08
CA LEU A 50 14.52 12.00 -18.48
C LEU A 50 15.84 12.59 -18.95
N SER A 51 16.22 13.73 -18.40
CA SER A 51 17.50 14.36 -18.69
C SER A 51 18.65 13.36 -18.72
N ILE A 53 18.71 10.15 -18.76
CA ILE A 53 18.21 9.04 -19.54
C ILE A 53 18.27 9.36 -21.02
N ALA A 54 18.68 8.38 -21.84
CA ALA A 54 18.59 8.46 -23.29
C ALA A 54 17.49 7.52 -23.78
N ILE A 55 16.42 8.08 -24.35
CA ILE A 55 15.16 7.37 -24.56
C ILE A 55 14.90 7.26 -26.06
N HIS A 56 14.80 6.03 -26.56
CA HIS A 56 14.56 5.75 -27.97
C HIS A 56 13.29 4.94 -28.13
N GLN A 57 12.30 5.52 -28.81
CA GLN A 57 11.05 4.85 -29.15
C GLN A 57 10.99 4.64 -30.67
N ALA A 58 10.86 3.41 -31.12
CA ALA A 58 10.64 3.15 -32.53
C ALA A 58 9.64 2.01 -32.59
N GLY A 59 8.48 2.18 -33.16
CA GLY A 59 7.57 1.12 -33.55
C GLY A 59 7.19 0.18 -32.43
N GLU A 60 6.62 0.75 -31.37
CA GLU A 60 6.15 0.03 -30.19
C GLU A 60 7.31 -0.50 -29.35
N PHE A 61 8.53 -0.37 -29.85
CA PHE A 61 9.73 -0.75 -29.11
C PHE A 61 10.29 0.49 -28.42
N THR A 62 10.54 0.39 -27.12
CA THR A 62 11.05 1.48 -26.32
C THR A 62 12.29 0.99 -25.58
N GLN A 63 13.32 1.83 -25.53
CA GLN A 63 14.55 1.49 -24.84
C GLN A 63 15.01 2.71 -24.04
N PHE A 64 15.26 2.51 -22.74
CA PHE A 64 15.85 3.53 -21.87
C PHE A 64 17.30 3.18 -21.60
N ARG A 65 18.20 4.14 -21.82
CA ARG A 65 19.60 4.01 -21.42
C ARG A 65 19.86 5.03 -20.31
N PHE A 66 19.98 4.53 -19.09
CA PHE A 66 20.21 5.39 -17.93
C PHE A 66 21.70 5.69 -17.79
N SER A 67 22.01 6.80 -17.14
CA SER A 67 23.39 7.21 -16.95
C SER A 67 23.92 6.91 -15.55
N LYS A 68 23.08 6.35 -14.67
CA LYS A 68 23.52 5.72 -13.43
C LYS A 68 23.13 4.25 -13.51
N LYS A 69 23.88 3.39 -12.84
CA LYS A 69 23.59 1.97 -12.96
C LYS A 69 22.42 1.63 -12.05
N MET A 70 21.36 1.10 -12.63
CA MET A 70 20.10 0.86 -11.94
C MET A 70 20.01 -0.55 -11.35
N ARG A 71 20.53 -1.54 -12.06
CA ARG A 71 20.59 -2.92 -11.61
C ARG A 71 22.04 -3.40 -11.72
N PRO A 72 22.93 -2.89 -10.85
CA PRO A 72 24.33 -3.36 -10.89
C PRO A 72 24.47 -4.84 -10.58
N ASP A 73 23.48 -5.44 -9.94
CA ASP A 73 23.54 -6.87 -9.69
C ASP A 73 23.58 -7.68 -10.98
N LEU A 74 23.20 -7.08 -12.11
CA LEU A 74 23.07 -7.78 -13.38
C LEU A 74 24.28 -7.62 -14.28
N THR A 75 24.54 -8.67 -15.07
CA THR A 75 25.46 -8.58 -16.20
C THR A 75 24.69 -8.11 -17.44
N GLY A 76 25.45 -7.77 -18.47
CA GLY A 76 24.86 -7.26 -19.69
C GLY A 76 24.74 -8.32 -20.78
N MET A 77 23.49 -8.64 -21.13
CA MET A 77 23.15 -9.65 -22.15
C MET A 77 23.15 -8.97 -23.54
N VAL A 78 23.12 -9.80 -24.57
CA VAL A 78 23.05 -9.24 -25.91
C VAL A 78 21.59 -8.93 -26.24
N LEU A 79 21.37 -7.78 -26.88
CA LEU A 79 20.08 -7.39 -27.45
C LEU A 79 20.21 -7.48 -28.96
N GLU A 80 19.54 -8.47 -29.56
CA GLU A 80 19.47 -8.62 -31.00
C GLU A 80 18.19 -7.99 -31.53
N GLU A 81 18.23 -7.64 -32.82
CA GLU A 81 17.07 -7.05 -33.51
C GLU A 81 16.21 -8.17 -34.12
N GLY A 82 15.76 -9.05 -33.23
CA GLY A 82 15.12 -10.28 -33.64
C GLY A 82 16.05 -11.46 -33.52
N CYS A 83 15.61 -12.58 -34.08
CA CYS A 83 16.31 -13.85 -33.93
C CYS A 83 16.32 -14.57 -35.27
N GLU A 85 14.04 -16.69 -38.73
CA GLU A 85 12.81 -17.42 -38.44
C GLU A 85 13.14 -18.85 -38.01
N GLY A 86 12.22 -19.46 -37.26
CA GLY A 86 12.41 -20.78 -36.72
C GLY A 86 13.01 -20.84 -35.33
N THR A 87 13.68 -19.77 -34.89
CA THR A 87 14.22 -19.72 -33.53
C THR A 87 13.13 -19.94 -32.49
N VAL A 88 13.25 -21.00 -31.70
CA VAL A 88 12.35 -21.23 -30.58
C VAL A 88 12.78 -20.35 -29.42
N CYS A 89 11.96 -19.37 -29.10
CA CYS A 89 12.23 -18.43 -28.01
C CYS A 89 11.44 -18.82 -26.76
N SER A 90 11.72 -18.08 -25.68
CA SER A 90 10.98 -18.16 -24.43
C SER A 90 10.51 -16.76 -24.07
N VAL A 91 9.20 -16.58 -23.93
CA VAL A 91 8.66 -15.32 -23.45
C VAL A 91 8.56 -15.45 -21.93
N LEU A 92 9.31 -14.62 -21.22
CA LEU A 92 9.36 -14.63 -19.75
C LEU A 92 8.20 -13.80 -19.23
N ILE A 93 7.05 -14.45 -19.08
CA ILE A 93 5.84 -13.79 -18.61
C ILE A 93 5.77 -13.87 -17.08
N LYS A 94 5.62 -12.71 -16.45
CA LYS A 94 5.23 -12.60 -15.05
C LYS A 94 3.77 -12.15 -15.01
N ARG A 95 3.01 -12.72 -14.10
CA ARG A 95 1.64 -12.31 -13.86
C ARG A 95 1.56 -11.58 -12.52
N ASP A 96 0.49 -10.80 -12.35
CA ASP A 96 0.33 -10.02 -11.14
C ASP A 96 0.41 -10.90 -9.89
N SER A 97 0.05 -12.17 -10.02
CA SER A 97 0.04 -13.07 -8.87
C SER A 97 1.42 -13.53 -8.43
N GLY A 98 2.46 -13.23 -9.21
CA GLY A 98 3.79 -13.74 -9.00
C GLY A 98 4.11 -14.97 -9.82
N GLU A 99 3.10 -15.63 -10.35
CA GLU A 99 3.32 -16.79 -11.21
C GLU A 99 4.28 -16.46 -12.33
N LEU A 100 5.21 -17.38 -12.57
CA LEU A 100 6.15 -17.30 -13.68
C LEU A 100 5.72 -18.29 -14.75
N LEU A 101 5.63 -17.84 -15.99
CA LEU A 101 5.07 -18.65 -17.07
C LEU A 101 5.91 -18.46 -18.33
N PRO A 102 6.97 -19.25 -18.48
CA PRO A 102 7.80 -19.15 -19.71
C PRO A 102 7.11 -19.88 -20.84
N LEU A 103 6.62 -19.12 -21.82
CA LEU A 103 5.99 -19.72 -22.99
C LEU A 103 7.06 -20.11 -23.99
N ALA A 104 6.79 -21.20 -24.71
CA ALA A 104 7.61 -21.64 -25.82
C ALA A 104 6.97 -21.10 -27.10
N VAL A 105 7.74 -20.39 -27.91
CA VAL A 105 7.21 -19.84 -29.15
C VAL A 105 8.24 -19.99 -30.25
N ARG A 106 7.81 -20.55 -31.37
CA ARG A 106 8.61 -20.62 -32.59
C ARG A 106 8.42 -19.31 -33.35
N MET A 107 9.51 -18.60 -33.59
CA MET A 107 9.45 -17.30 -34.25
C MET A 107 9.38 -17.47 -35.75
N GLY A 108 8.72 -16.52 -36.42
CA GLY A 108 8.67 -16.47 -37.87
C GLY A 108 9.20 -15.18 -38.45
N ALA A 109 8.45 -14.60 -39.39
CA ALA A 109 8.90 -13.49 -40.19
C ALA A 109 8.90 -12.17 -39.42
N ILE A 110 9.72 -11.25 -39.89
CA ILE A 110 9.70 -9.86 -39.42
C ILE A 110 8.83 -9.07 -40.37
N ALA A 111 7.79 -8.43 -39.84
CA ALA A 111 6.87 -7.64 -40.65
C ALA A 111 6.31 -6.51 -39.81
N SER A 112 6.25 -5.31 -40.38
CA SER A 112 5.67 -4.19 -39.68
C SER A 112 4.17 -4.13 -39.94
N MET A 113 3.43 -3.71 -38.91
CA MET A 113 1.99 -3.87 -38.87
C MET A 113 1.42 -2.71 -38.05
N ARG A 114 0.19 -2.38 -38.33
CA ARG A 114 -0.51 -1.33 -37.58
C ARG A 114 -1.62 -2.03 -36.83
N ILE A 115 -1.39 -2.27 -35.54
CA ILE A 115 -2.32 -3.00 -34.70
C ILE A 115 -3.03 -1.98 -33.81
N GLN A 116 -4.33 -1.81 -34.05
CA GLN A 116 -5.16 -0.87 -33.29
C GLN A 116 -4.56 0.54 -33.35
N GLY A 117 -4.17 0.95 -34.55
CA GLY A 117 -3.64 2.28 -34.77
C GLY A 117 -2.33 2.52 -34.06
N ARG A 118 -1.41 1.57 -34.20
CA ARG A 118 -0.08 1.67 -33.59
C ARG A 118 0.91 1.00 -34.53
N LEU A 119 1.89 1.76 -35.00
CA LEU A 119 2.91 1.17 -35.87
C LEU A 119 3.76 0.20 -35.03
N VAL A 120 3.71 -1.07 -35.39
CA VAL A 120 4.46 -2.09 -34.69
C VAL A 120 5.42 -2.71 -35.71
N HIS A 121 6.70 -2.36 -35.61
CA HIS A 121 7.75 -3.16 -36.24
C HIS A 121 8.02 -4.33 -35.32
N GLY A 122 7.58 -5.51 -35.72
CA GLY A 122 7.63 -6.66 -34.85
C GLY A 122 8.07 -7.90 -35.59
N GLN A 123 8.03 -9.01 -34.87
CA GLN A 123 8.23 -10.35 -35.40
C GLN A 123 7.09 -11.22 -34.91
N SER A 124 6.58 -12.08 -35.79
CA SER A 124 5.50 -13.01 -35.46
C SER A 124 6.06 -14.30 -34.88
N GLY A 125 5.18 -15.08 -34.26
CA GLY A 125 5.59 -16.33 -33.65
C GLY A 125 4.42 -17.18 -33.21
N MET A 126 4.60 -18.50 -33.21
CA MET A 126 3.53 -19.43 -32.87
C MET A 126 3.81 -20.10 -31.53
N LEU A 127 2.75 -20.29 -30.74
CA LEU A 127 2.83 -20.86 -29.40
C LEU A 127 2.91 -22.37 -29.48
N LEU A 128 4.12 -22.91 -29.31
CA LEU A 128 4.30 -24.35 -29.24
C LEU A 128 3.46 -24.95 -28.11
N LEU A 138 -1.67 -22.52 -22.65
CA LEU A 138 -0.82 -21.49 -22.08
C LEU A 138 -0.70 -20.30 -23.07
N GLY A 139 -1.61 -19.34 -22.98
CA GLY A 139 -1.62 -18.20 -23.86
C GLY A 139 -1.27 -16.91 -23.13
N THR A 140 -1.34 -15.81 -23.88
CA THR A 140 -1.07 -14.49 -23.31
C THR A 140 -2.38 -13.77 -23.03
N ILE A 141 -2.27 -12.64 -22.33
CA ILE A 141 -3.45 -11.92 -21.88
C ILE A 141 -3.14 -10.43 -21.84
N PRO A 142 -4.16 -9.57 -21.75
CA PRO A 142 -3.89 -8.15 -21.45
C PRO A 142 -3.05 -8.02 -20.20
N GLY A 143 -2.03 -7.15 -20.25
CA GLY A 143 -1.12 -6.94 -19.15
C GLY A 143 0.23 -7.59 -19.32
N ASP A 144 0.34 -8.56 -20.23
CA ASP A 144 1.59 -9.26 -20.49
C ASP A 144 2.57 -8.46 -21.36
N CYS A 145 2.19 -7.31 -21.92
CA CYS A 145 3.07 -6.69 -22.89
C CYS A 145 4.32 -6.13 -22.22
N GLY A 146 5.44 -6.25 -22.90
CA GLY A 146 6.74 -5.89 -22.42
C GLY A 146 7.56 -7.07 -21.97
N ALA A 147 6.91 -8.20 -21.77
CA ALA A 147 7.62 -9.43 -21.44
C ALA A 147 8.68 -9.75 -22.48
N PRO A 148 9.85 -10.26 -22.06
CA PRO A 148 10.94 -10.46 -23.03
C PRO A 148 10.91 -11.80 -23.75
N TYR A 149 11.11 -11.73 -25.08
CA TYR A 149 11.40 -12.89 -25.92
C TYR A 149 12.91 -13.15 -25.88
N VAL A 150 13.30 -14.36 -25.48
CA VAL A 150 14.70 -14.67 -25.23
C VAL A 150 15.06 -16.04 -25.79
N HIS A 151 16.34 -16.21 -26.08
CA HIS A 151 16.89 -17.53 -26.36
C HIS A 151 18.31 -17.57 -25.82
N LYS A 152 18.90 -18.76 -25.82
CA LYS A 152 20.21 -19.00 -25.20
C LYS A 152 21.18 -19.49 -26.27
N ARG A 153 22.19 -18.68 -26.56
CA ARG A 153 23.32 -19.07 -27.41
C ARG A 153 24.50 -19.40 -26.51
N GLY A 154 24.98 -20.64 -26.58
CA GLY A 154 26.11 -21.07 -25.78
C GLY A 154 26.11 -20.58 -24.35
N TRP A 157 22.69 -16.05 -22.80
CA TRP A 157 21.29 -15.68 -23.01
C TRP A 157 21.16 -14.41 -23.84
N VAL A 158 20.22 -14.39 -24.77
CA VAL A 158 19.97 -13.24 -25.60
C VAL A 158 18.51 -12.83 -25.45
N VAL A 159 18.26 -11.54 -25.64
CA VAL A 159 16.91 -10.99 -25.72
C VAL A 159 16.70 -10.46 -27.13
N CYS A 160 15.51 -10.75 -27.68
CA CYS A 160 15.21 -10.58 -29.09
C CYS A 160 13.91 -9.83 -29.35
N GLY A 161 13.19 -9.39 -28.31
CA GLY A 161 12.01 -8.57 -28.49
C GLY A 161 11.24 -8.43 -27.19
N VAL A 162 10.20 -7.59 -27.23
CA VAL A 162 9.24 -7.45 -26.13
C VAL A 162 7.84 -7.75 -26.64
N HIS A 163 7.02 -8.39 -25.80
CA HIS A 163 5.68 -8.80 -26.24
C HIS A 163 4.83 -7.58 -26.57
N ALA A 164 4.07 -7.68 -27.68
CA ALA A 164 3.26 -6.56 -28.14
C ALA A 164 1.81 -6.92 -28.39
N ALA A 165 1.52 -8.11 -28.91
CA ALA A 165 0.15 -8.42 -29.34
C ALA A 165 0.00 -9.92 -29.59
N ALA A 166 -1.26 -10.37 -29.69
CA ALA A 166 -1.58 -11.76 -30.01
C ALA A 166 -2.89 -11.81 -30.79
N THR A 167 -3.02 -12.83 -31.66
CA THR A 167 -4.27 -12.95 -32.43
C THR A 167 -5.43 -13.35 -31.52
N LYS A 168 -6.66 -13.11 -32.00
CA LYS A 168 -7.85 -13.45 -31.24
C LYS A 168 -7.73 -14.83 -30.59
N SER A 169 -7.49 -15.85 -31.41
CA SER A 169 -7.17 -17.18 -30.90
C SER A 169 -5.91 -17.10 -30.02
N ASN A 171 -2.70 -18.37 -30.48
CA ASN A 171 -1.65 -19.33 -30.83
C ASN A 171 -0.53 -18.64 -31.57
N THR A 172 -0.81 -17.45 -32.08
CA THR A 172 0.18 -16.60 -32.72
C THR A 172 0.37 -15.33 -31.89
N VAL A 173 1.63 -15.01 -31.60
CA VAL A 173 1.96 -13.81 -30.86
C VAL A 173 2.87 -12.94 -31.72
N VAL A 174 3.03 -11.69 -31.29
CA VAL A 174 3.88 -10.73 -31.96
C VAL A 174 4.70 -10.00 -30.91
N CYS A 175 6.02 -9.99 -31.08
CA CYS A 175 6.90 -9.12 -30.30
C CYS A 175 7.35 -7.95 -31.16
N ALA A 176 7.32 -6.75 -30.56
CA ALA A 176 8.03 -5.62 -31.15
C ALA A 176 9.53 -5.87 -31.04
N VAL A 177 10.28 -5.45 -32.07
CA VAL A 177 11.73 -5.62 -32.09
C VAL A 177 12.36 -4.29 -32.47
N GLN A 178 13.69 -4.26 -32.41
CA GLN A 178 14.42 -3.03 -32.63
C GLN A 178 14.90 -2.91 -34.07
N HIS B 5 -2.95 -3.09 -3.05
CA HIS B 5 -2.09 -2.09 -2.35
C HIS B 5 -2.91 -1.32 -1.31
N HIS B 6 -2.35 -1.20 -0.11
CA HIS B 6 -2.99 -0.52 1.01
C HIS B 6 -2.42 0.90 1.15
N ALA B 7 -3.29 1.88 1.32
CA ALA B 7 -2.84 3.23 1.61
C ALA B 7 -2.56 3.37 3.11
N PRO B 8 -1.44 3.94 3.50
CA PRO B 8 -1.18 4.12 4.94
C PRO B 8 -1.88 5.36 5.47
N PRO B 9 -2.01 5.48 6.79
CA PRO B 9 -2.82 6.57 7.35
C PRO B 9 -2.37 7.95 6.93
N THR B 10 -1.05 8.17 6.82
CA THR B 10 -0.57 9.50 6.46
C THR B 10 -1.01 9.87 5.04
N LEU B 11 -1.06 8.90 4.14
CA LEU B 11 -1.68 9.16 2.84
C LEU B 11 -3.11 9.67 3.01
N TRP B 12 -3.91 8.96 3.83
CA TRP B 12 -5.30 9.37 4.01
C TRP B 12 -5.39 10.73 4.67
N SER B 13 -4.46 11.04 5.58
CA SER B 13 -4.46 12.33 6.26
C SER B 13 -4.29 13.51 5.30
N ARG B 14 -3.82 13.27 4.08
CA ARG B 14 -3.72 14.34 3.11
C ARG B 14 -5.08 14.73 2.52
N VAL B 15 -6.08 13.86 2.64
CA VAL B 15 -7.40 14.10 2.07
C VAL B 15 -8.18 15.00 3.02
N THR B 16 -8.62 16.15 2.52
CA THR B 16 -9.07 17.25 3.38
C THR B 16 -10.42 17.74 2.89
N LYS B 17 -11.36 17.89 3.83
CA LYS B 17 -12.64 18.50 3.50
C LYS B 17 -12.41 19.91 2.97
N PHE B 18 -13.04 20.24 1.86
CA PHE B 18 -12.78 21.52 1.22
C PHE B 18 -14.00 21.96 0.42
N GLY B 19 -14.54 23.11 0.77
CA GLY B 19 -15.74 23.64 0.16
C GLY B 19 -16.83 22.61 0.01
N SER B 20 -17.25 22.38 -1.23
CA SER B 20 -18.29 21.41 -1.52
C SER B 20 -17.74 20.01 -1.76
N GLY B 21 -16.48 19.76 -1.39
CA GLY B 21 -15.93 18.43 -1.54
C GLY B 21 -14.68 18.17 -0.73
N TRP B 22 -13.60 17.78 -1.41
CA TRP B 22 -12.35 17.42 -0.77
C TRP B 22 -11.18 18.02 -1.53
N GLY B 23 -10.02 18.01 -0.88
CA GLY B 23 -8.76 18.33 -1.53
C GLY B 23 -7.70 17.34 -1.08
N PHE B 24 -6.50 17.52 -1.63
CA PHE B 24 -5.38 16.62 -1.37
C PHE B 24 -4.11 17.45 -1.15
N TRP B 25 -3.41 17.23 -0.03
CA TRP B 25 -2.09 17.84 0.16
C TRP B 25 -1.05 17.01 -0.59
N VAL B 26 -0.57 17.51 -1.73
CA VAL B 26 0.50 16.76 -2.40
C VAL B 26 1.80 16.87 -1.60
N SER B 27 1.99 17.99 -0.93
CA SER B 27 3.23 18.36 -0.26
C SER B 27 2.88 19.29 0.91
N PRO B 28 3.87 19.76 1.68
CA PRO B 28 3.57 20.75 2.74
C PRO B 28 3.03 22.05 2.20
N THR B 29 3.33 22.36 0.94
CA THR B 29 2.94 23.59 0.29
C THR B 29 1.87 23.41 -0.78
N VAL B 30 1.64 22.20 -1.30
CA VAL B 30 0.82 22.04 -2.51
C VAL B 30 -0.47 21.27 -2.21
N PHE B 31 -1.60 21.91 -2.48
CA PHE B 31 -2.96 21.40 -2.31
C PHE B 31 -3.67 21.36 -3.68
N ILE B 32 -4.27 20.23 -4.03
CA ILE B 32 -5.03 20.08 -5.27
C ILE B 32 -6.47 19.68 -4.97
N THR B 33 -7.34 20.03 -5.91
CA THR B 33 -8.77 19.84 -5.77
C THR B 33 -9.40 20.01 -7.15
N THR B 34 -10.72 19.78 -7.20
CA THR B 34 -11.52 19.92 -8.42
C THR B 34 -12.20 21.29 -8.41
N THR B 35 -12.14 21.98 -9.54
CA THR B 35 -12.41 23.41 -9.50
C THR B 35 -13.81 23.71 -9.00
N HIS B 36 -14.80 22.90 -9.39
CA HIS B 36 -16.19 23.24 -9.11
C HIS B 36 -16.53 23.12 -7.64
N VAL B 37 -15.64 22.55 -6.82
CA VAL B 37 -15.89 22.48 -5.38
C VAL B 37 -15.26 23.63 -4.62
N VAL B 38 -14.39 24.40 -5.25
CA VAL B 38 -13.61 25.45 -4.56
C VAL B 38 -14.55 26.56 -4.13
N PRO B 39 -14.49 27.00 -2.88
CA PRO B 39 -15.26 28.19 -2.49
C PRO B 39 -14.96 29.37 -3.41
N THR B 40 -16.02 30.02 -3.87
CA THR B 40 -15.91 31.25 -4.65
C THR B 40 -16.20 32.45 -3.74
N GLY B 41 -15.67 33.61 -4.14
CA GLY B 41 -15.89 34.83 -3.39
C GLY B 41 -15.31 34.80 -1.99
N VAL B 42 -13.97 34.71 -1.90
CA VAL B 42 -13.28 34.62 -0.63
C VAL B 42 -11.95 35.35 -0.76
N LYS B 43 -11.45 35.86 0.36
CA LYS B 43 -10.11 36.42 0.41
C LYS B 43 -9.22 35.62 1.38
N PHE B 45 -7.60 31.21 1.85
CA PHE B 45 -7.67 29.77 2.04
C PHE B 45 -6.73 29.30 3.16
N PHE B 46 -7.25 28.44 4.03
CA PHE B 46 -6.52 27.97 5.21
C PHE B 46 -5.83 29.14 5.92
N GLY B 47 -6.60 30.20 6.14
CA GLY B 47 -6.12 31.40 6.77
C GLY B 47 -5.16 32.23 5.95
N GLU B 48 -4.87 31.83 4.69
CA GLU B 48 -3.83 32.53 3.93
C GLU B 48 -4.45 33.43 2.86
N PRO B 49 -3.82 34.58 2.60
CA PRO B 49 -4.39 35.53 1.63
C PRO B 49 -3.95 35.28 0.19
N LEU B 50 -4.86 35.63 -0.72
CA LEU B 50 -4.69 35.34 -2.14
C LEU B 50 -3.43 35.96 -2.73
N SER B 52 -0.47 35.67 -1.30
CA SER B 52 0.43 34.62 -0.81
C SER B 52 0.36 33.38 -1.70
N ILE B 53 -0.84 33.05 -2.16
CA ILE B 53 -1.13 31.79 -2.85
C ILE B 53 -0.97 31.98 -4.36
N ALA B 54 -0.13 31.12 -4.97
CA ALA B 54 -0.10 30.94 -6.42
C ALA B 54 -1.14 29.90 -6.84
N ILE B 55 -2.13 30.32 -7.62
CA ILE B 55 -3.28 29.49 -8.00
C ILE B 55 -3.24 29.20 -9.49
N HIS B 56 -3.46 27.94 -9.85
CA HIS B 56 -3.54 27.49 -11.23
C HIS B 56 -4.78 26.64 -11.38
N GLN B 57 -5.56 26.90 -12.43
CA GLN B 57 -6.85 26.23 -12.64
C GLN B 57 -7.05 26.05 -14.13
N ALA B 58 -7.19 24.80 -14.57
CA ALA B 58 -7.54 24.48 -15.95
C ALA B 58 -8.26 23.13 -15.96
N GLY B 59 -9.35 23.05 -16.72
CA GLY B 59 -9.94 21.76 -17.03
C GLY B 59 -10.49 21.06 -15.80
N GLU B 60 -11.04 21.82 -14.88
CA GLU B 60 -11.56 21.39 -13.58
C GLU B 60 -10.47 20.90 -12.63
N PHE B 61 -9.20 21.06 -12.99
CA PHE B 61 -8.11 20.76 -12.07
C PHE B 61 -7.61 22.07 -11.45
N THR B 62 -7.56 22.10 -10.12
CA THR B 62 -7.10 23.27 -9.36
C THR B 62 -5.94 22.88 -8.45
N GLN B 63 -4.93 23.73 -8.43
CA GLN B 63 -3.70 23.53 -7.66
C GLN B 63 -3.39 24.81 -6.93
N PHE B 64 -3.08 24.67 -5.63
CA PHE B 64 -2.61 25.74 -4.75
C PHE B 64 -1.13 25.54 -4.44
N ARG B 65 -0.35 26.63 -4.55
CA ARG B 65 1.00 26.65 -3.98
C ARG B 65 1.06 27.76 -2.95
N PHE B 66 1.23 27.37 -1.69
CA PHE B 66 1.24 28.30 -0.56
C PHE B 66 2.65 28.83 -0.31
N SER B 67 2.74 30.03 0.25
CA SER B 67 4.04 30.59 0.65
C SER B 67 4.57 29.94 1.92
N LYS B 68 3.67 29.42 2.74
CA LYS B 68 3.96 28.88 4.07
C LYS B 68 3.89 27.35 4.03
N LYS B 69 4.71 26.71 4.86
CA LYS B 69 4.54 25.27 5.08
C LYS B 69 3.25 25.03 5.87
N MET B 70 2.24 24.46 5.20
CA MET B 70 0.92 24.23 5.78
C MET B 70 0.81 22.85 6.43
N ARG B 71 1.49 21.86 5.86
CA ARG B 71 1.51 20.51 6.37
C ARG B 71 2.95 20.04 6.38
N PRO B 72 3.79 20.62 7.27
CA PRO B 72 5.20 20.20 7.36
C PRO B 72 5.36 18.77 7.84
N ASP B 73 4.29 18.14 8.31
CA ASP B 73 4.36 16.73 8.66
C ASP B 73 4.54 15.82 7.45
N LEU B 74 4.24 16.31 6.26
CA LEU B 74 4.09 15.47 5.07
C LEU B 74 5.34 15.52 4.21
N THR B 75 5.68 14.39 3.62
CA THR B 75 6.63 14.39 2.52
C THR B 75 5.93 14.79 1.22
N GLY B 76 6.74 15.24 0.26
CA GLY B 76 6.23 15.50 -1.08
C GLY B 76 6.09 14.23 -1.87
N MET B 77 4.98 14.06 -2.55
CA MET B 77 4.81 12.97 -3.48
C MET B 77 4.77 13.51 -4.90
N VAL B 78 4.87 12.60 -5.86
CA VAL B 78 4.85 12.96 -7.27
C VAL B 78 3.41 13.19 -7.71
N LEU B 79 3.19 14.27 -8.44
CA LEU B 79 1.94 14.52 -9.16
C LEU B 79 2.21 14.37 -10.65
N GLU B 80 1.64 13.34 -11.27
CA GLU B 80 1.74 13.12 -12.70
C GLU B 80 0.40 13.47 -13.36
N GLU B 81 0.46 13.84 -14.63
CA GLU B 81 -0.75 14.15 -15.39
C GLU B 81 -1.45 12.86 -15.79
N GLY B 82 -2.55 12.54 -15.11
CA GLY B 82 -3.22 11.28 -15.38
C GLY B 82 -2.23 10.16 -15.17
N CYS B 83 -2.63 8.98 -15.62
CA CYS B 83 -1.79 7.79 -15.51
C CYS B 83 -1.98 6.91 -16.73
N PRO B 84 -1.05 5.99 -16.99
CA PRO B 84 -1.17 5.14 -18.19
C PRO B 84 -2.48 4.38 -18.19
N GLU B 85 -3.04 4.21 -19.39
CA GLU B 85 -4.20 3.36 -19.57
C GLU B 85 -3.95 1.98 -18.96
N GLY B 86 -5.02 1.36 -18.46
CA GLY B 86 -4.93 0.05 -17.89
C GLY B 86 -4.38 -0.03 -16.48
N THR B 87 -3.85 1.06 -15.94
CA THR B 87 -3.41 1.06 -14.55
C THR B 87 -4.61 0.99 -13.60
N VAL B 88 -4.49 0.16 -12.58
CA VAL B 88 -5.43 0.16 -11.46
C VAL B 88 -4.97 1.24 -10.47
N CYS B 89 -5.83 2.22 -10.23
CA CYS B 89 -5.65 3.23 -9.20
C CYS B 89 -6.65 2.99 -8.08
N SER B 90 -6.45 3.69 -6.97
CA SER B 90 -7.44 3.77 -5.91
C SER B 90 -7.91 5.21 -5.81
N VAL B 91 -9.21 5.38 -5.66
CA VAL B 91 -9.77 6.67 -5.31
C VAL B 91 -9.94 6.69 -3.79
N LEU B 92 -9.29 7.65 -3.14
CA LEU B 92 -9.28 7.75 -1.67
C LEU B 92 -10.44 8.64 -1.24
N ILE B 93 -11.62 8.03 -1.19
CA ILE B 93 -12.84 8.76 -0.86
C ILE B 93 -13.00 8.76 0.66
N LYS B 94 -13.12 9.95 1.24
CA LYS B 94 -13.51 10.17 2.63
C LYS B 94 -14.94 10.69 2.63
N ARG B 95 -15.78 10.13 3.50
CA ARG B 95 -17.14 10.59 3.66
C ARG B 95 -17.24 11.39 4.96
N ASP B 96 -18.25 12.27 4.99
CA ASP B 96 -18.43 13.23 6.07
C ASP B 96 -18.57 12.57 7.44
N SER B 97 -18.91 11.30 7.49
CA SER B 97 -19.05 10.59 8.75
C SER B 97 -17.72 10.06 9.29
N GLY B 98 -16.63 10.21 8.55
CA GLY B 98 -15.35 9.62 8.91
C GLY B 98 -15.02 8.36 8.14
N GLU B 99 -15.99 7.77 7.47
CA GLU B 99 -15.74 6.56 6.69
C GLU B 99 -14.69 6.78 5.61
N LEU B 100 -13.83 5.77 5.43
CA LEU B 100 -12.84 5.71 4.39
C LEU B 100 -13.30 4.68 3.37
N LEU B 101 -13.31 5.07 2.11
CA LEU B 101 -13.83 4.24 1.03
C LEU B 101 -12.76 4.23 -0.06
N PRO B 102 -11.80 3.30 0.00
CA PRO B 102 -10.89 3.19 -1.14
C PRO B 102 -11.60 2.43 -2.24
N LEU B 103 -11.53 2.96 -3.46
CA LEU B 103 -12.24 2.40 -4.60
C LEU B 103 -11.22 2.08 -5.67
N ALA B 104 -11.20 0.83 -6.12
CA ALA B 104 -10.32 0.39 -7.18
C ALA B 104 -10.89 0.78 -8.54
N VAL B 105 -10.07 1.39 -9.39
CA VAL B 105 -10.53 1.85 -10.70
C VAL B 105 -9.49 1.52 -11.76
N ARG B 106 -9.93 0.86 -12.83
CA ARG B 106 -9.05 0.59 -13.96
C ARG B 106 -9.16 1.78 -14.92
N MET B 107 -8.05 2.49 -15.11
CA MET B 107 -8.08 3.77 -15.81
C MET B 107 -8.11 3.50 -17.31
N GLY B 108 -8.86 4.32 -18.02
CA GLY B 108 -8.89 4.30 -19.47
C GLY B 108 -8.09 5.43 -20.04
N ALA B 109 -8.62 6.04 -21.09
CA ALA B 109 -7.89 7.06 -21.82
C ALA B 109 -8.12 8.45 -21.24
N ILE B 110 -7.06 9.27 -21.29
CA ILE B 110 -7.19 10.71 -21.06
C ILE B 110 -7.86 11.36 -22.26
N ALA B 111 -8.74 12.32 -21.99
CA ALA B 111 -9.54 13.00 -23.00
C ALA B 111 -10.13 14.25 -22.37
N SER B 112 -10.54 15.20 -23.21
CA SER B 112 -11.33 16.33 -22.76
C SER B 112 -12.81 16.03 -22.94
N MET B 113 -13.62 16.45 -21.96
CA MET B 113 -15.05 16.21 -22.03
C MET B 113 -15.80 17.45 -21.59
N ARG B 114 -17.05 17.57 -22.03
CA ARG B 114 -18.01 18.55 -21.52
C ARG B 114 -18.90 17.81 -20.53
N ILE B 115 -18.79 18.19 -19.26
CA ILE B 115 -19.63 17.61 -18.20
C ILE B 115 -20.43 18.76 -17.62
N GLN B 116 -21.72 18.79 -17.90
CA GLN B 116 -22.61 19.88 -17.51
C GLN B 116 -21.95 21.23 -17.76
N GLY B 117 -21.61 21.44 -19.03
CA GLY B 117 -21.15 22.72 -19.52
C GLY B 117 -19.73 23.07 -19.15
N ARG B 118 -19.05 22.23 -18.37
CA ARG B 118 -17.68 22.52 -17.94
C ARG B 118 -16.73 21.67 -18.77
N LEU B 119 -15.70 22.32 -19.31
CA LEU B 119 -14.60 21.62 -19.96
C LEU B 119 -13.76 20.92 -18.90
N VAL B 120 -13.64 19.60 -19.03
CA VAL B 120 -12.88 18.77 -18.10
C VAL B 120 -11.73 18.17 -18.88
N HIS B 121 -10.51 18.38 -18.41
CA HIS B 121 -9.36 17.63 -18.89
C HIS B 121 -9.30 16.37 -18.05
N GLY B 122 -9.88 15.29 -18.56
CA GLY B 122 -10.26 14.16 -17.76
C GLY B 122 -9.53 12.88 -18.13
N GLN B 123 -9.74 11.90 -17.28
CA GLN B 123 -9.35 10.52 -17.52
C GLN B 123 -10.46 9.68 -16.94
N SER B 124 -11.08 8.84 -17.76
CA SER B 124 -12.15 7.99 -17.29
C SER B 124 -11.56 6.75 -16.62
N GLY B 125 -12.42 5.98 -15.99
CA GLY B 125 -11.99 4.69 -15.50
C GLY B 125 -13.16 3.91 -14.98
N MET B 126 -12.98 2.60 -14.90
CA MET B 126 -14.03 1.69 -14.54
C MET B 126 -13.80 1.16 -13.13
N LEU B 127 -14.78 1.33 -12.27
CA LEU B 127 -14.74 0.75 -10.95
C LEU B 127 -14.69 -0.77 -11.05
N LEU B 128 -13.88 -1.38 -10.18
CA LEU B 128 -13.67 -2.82 -10.19
C LEU B 128 -14.46 -3.46 -9.04
N LEU B 138 -19.86 -0.62 -4.91
CA LEU B 138 -19.47 0.63 -4.28
C LEU B 138 -19.29 1.70 -5.34
N GLY B 139 -19.90 2.87 -5.14
CA GLY B 139 -19.85 3.94 -6.09
C GLY B 139 -19.53 5.28 -5.42
N THR B 140 -19.38 6.33 -6.24
CA THR B 140 -19.08 7.73 -5.87
C THR B 140 -20.40 8.47 -5.88
N ILE B 141 -20.49 9.49 -5.06
CA ILE B 141 -21.74 10.20 -4.79
C ILE B 141 -21.48 11.69 -4.89
N PRO B 142 -22.52 12.53 -4.95
CA PRO B 142 -22.28 13.96 -4.80
C PRO B 142 -21.67 14.24 -3.44
N GLY B 143 -20.60 15.04 -3.44
CA GLY B 143 -19.81 15.33 -2.27
C GLY B 143 -18.44 14.70 -2.30
N ASP B 144 -18.18 13.77 -3.22
CA ASP B 144 -16.91 13.08 -3.30
C ASP B 144 -15.88 13.83 -4.12
N CYS B 145 -16.25 14.90 -4.82
CA CYS B 145 -15.32 15.49 -5.77
C CYS B 145 -14.17 16.14 -5.03
N GLY B 146 -12.99 16.07 -5.66
CA GLY B 146 -11.75 16.43 -5.03
C GLY B 146 -10.93 15.27 -4.52
N ALA B 147 -11.56 14.12 -4.27
CA ALA B 147 -10.83 12.97 -3.78
C ALA B 147 -9.75 12.54 -4.77
N PRO B 148 -8.59 12.10 -4.28
CA PRO B 148 -7.46 11.83 -5.19
C PRO B 148 -7.46 10.43 -5.78
N TYR B 149 -6.97 10.34 -7.04
CA TYR B 149 -6.62 9.08 -7.65
C TYR B 149 -5.14 8.87 -7.46
N VAL B 150 -4.75 7.70 -6.95
CA VAL B 150 -3.36 7.44 -6.60
C VAL B 150 -3.04 6.00 -6.99
N HIS B 151 -1.74 5.74 -7.17
CA HIS B 151 -1.27 4.38 -7.33
C HIS B 151 0.15 4.30 -6.77
N LYS B 152 0.58 3.08 -6.48
CA LYS B 152 1.85 2.85 -5.79
C LYS B 152 2.88 2.35 -6.79
N ARG B 153 4.03 3.02 -6.83
CA ARG B 153 5.12 2.75 -7.77
C ARG B 153 6.42 2.66 -6.98
N GLY B 154 6.58 1.59 -6.21
CA GLY B 154 7.75 1.44 -5.36
C GLY B 154 7.43 1.56 -3.88
N ASP B 156 6.25 3.86 -2.31
CA ASP B 156 6.25 5.11 -3.12
C ASP B 156 4.87 5.38 -3.75
N TRP B 157 4.04 6.25 -3.20
CA TRP B 157 2.69 6.57 -3.72
C TRP B 157 2.72 7.76 -4.68
N VAL B 158 1.88 7.77 -5.71
CA VAL B 158 1.80 8.83 -6.71
C VAL B 158 0.34 9.23 -6.89
N VAL B 159 0.08 10.52 -7.06
CA VAL B 159 -1.26 11.04 -7.28
C VAL B 159 -1.34 11.51 -8.73
N CYS B 160 -2.48 11.21 -9.37
CA CYS B 160 -2.59 11.44 -10.80
C CYS B 160 -3.90 12.10 -11.23
N GLY B 161 -4.82 12.36 -10.30
CA GLY B 161 -6.03 13.10 -10.64
C GLY B 161 -6.90 13.30 -9.42
N VAL B 162 -7.94 14.13 -9.61
CA VAL B 162 -8.95 14.42 -8.60
C VAL B 162 -10.33 14.09 -9.17
N HIS B 163 -11.20 13.60 -8.30
CA HIS B 163 -12.52 13.13 -8.72
C HIS B 163 -13.41 14.29 -9.15
N ALA B 164 -14.06 14.10 -10.34
CA ALA B 164 -14.84 15.15 -11.02
C ALA B 164 -16.24 14.69 -11.40
N ALA B 165 -16.41 13.44 -11.83
CA ALA B 165 -17.68 13.04 -12.41
C ALA B 165 -17.82 11.53 -12.37
N ALA B 166 -19.06 11.08 -12.61
CA ALA B 166 -19.36 9.68 -12.89
C ALA B 166 -20.47 9.62 -13.94
N THR B 167 -20.55 8.49 -14.63
CA THR B 167 -21.67 8.27 -15.55
C THR B 167 -22.96 8.00 -14.78
N LYS B 168 -24.08 8.07 -15.50
CA LYS B 168 -25.39 7.90 -14.87
C LYS B 168 -25.48 6.56 -14.14
N SER B 169 -24.82 5.52 -14.66
CA SER B 169 -24.81 4.22 -14.04
C SER B 169 -23.85 4.11 -12.88
N GLY B 170 -22.81 4.96 -12.84
CA GLY B 170 -21.81 4.93 -11.81
C GLY B 170 -20.63 4.02 -12.08
N ASN B 171 -20.76 3.07 -13.00
CA ASN B 171 -19.66 2.13 -13.16
C ASN B 171 -18.43 2.79 -13.77
N THR B 172 -18.56 4.01 -14.27
CA THR B 172 -17.42 4.72 -14.83
C THR B 172 -17.27 6.05 -14.12
N VAL B 173 -16.04 6.36 -13.77
CA VAL B 173 -15.74 7.60 -13.07
C VAL B 173 -14.73 8.38 -13.90
N VAL B 174 -14.68 9.69 -13.65
CA VAL B 174 -13.75 10.59 -14.32
C VAL B 174 -13.05 11.44 -13.28
N CYS B 175 -11.72 11.44 -13.33
CA CYS B 175 -10.92 12.41 -12.61
C CYS B 175 -10.38 13.49 -13.55
N ALA B 176 -10.38 14.75 -13.08
CA ALA B 176 -9.58 15.78 -13.73
C ALA B 176 -8.09 15.52 -13.54
N VAL B 177 -7.30 15.92 -14.54
CA VAL B 177 -5.86 15.73 -14.49
C VAL B 177 -5.19 17.05 -14.82
N GLN B 178 -3.97 17.20 -14.30
CA GLN B 178 -3.23 18.44 -14.49
C GLN B 178 -2.67 18.54 -15.90
N ALA B 179 -2.74 19.74 -16.46
CA ALA B 179 -2.14 20.07 -17.77
C ALA B 179 -0.92 19.23 -18.09
N HIS C 5 20.78 -23.99 -0.59
CA HIS C 5 21.23 -24.70 -1.83
C HIS C 5 21.18 -23.75 -3.03
N HIS C 6 20.37 -24.07 -4.05
CA HIS C 6 20.16 -23.17 -5.20
C HIS C 6 18.67 -23.15 -5.54
N ALA C 7 18.01 -22.06 -5.17
CA ALA C 7 16.56 -22.00 -5.31
C ALA C 7 16.20 -21.84 -6.79
N PRO C 8 15.28 -22.64 -7.33
CA PRO C 8 14.84 -22.40 -8.72
C PRO C 8 13.91 -21.21 -8.79
N PRO C 9 13.51 -20.79 -10.00
CA PRO C 9 12.65 -19.61 -10.10
C PRO C 9 11.28 -19.77 -9.47
N THR C 10 10.67 -20.96 -9.54
CA THR C 10 9.35 -21.11 -8.93
C THR C 10 9.42 -20.88 -7.43
N LEU C 11 10.54 -21.23 -6.81
CA LEU C 11 10.72 -21.01 -5.37
C LEU C 11 10.76 -19.52 -5.05
N TRP C 12 11.48 -18.73 -5.85
CA TRP C 12 11.42 -17.27 -5.67
C TRP C 12 10.05 -16.70 -6.03
N SER C 13 9.34 -17.30 -6.98
CA SER C 13 8.00 -16.82 -7.29
C SER C 13 7.07 -16.86 -6.06
N ARG C 14 7.39 -17.70 -5.08
CA ARG C 14 6.55 -17.80 -3.89
C ARG C 14 6.70 -16.60 -2.96
N VAL C 15 7.82 -15.89 -3.04
CA VAL C 15 8.08 -14.74 -2.18
C VAL C 15 7.34 -13.53 -2.73
N THR C 16 6.57 -12.87 -1.89
CA THR C 16 5.46 -12.01 -2.29
C THR C 16 5.47 -10.75 -1.44
N LYS C 17 5.44 -9.58 -2.08
CA LYS C 17 5.39 -8.31 -1.32
C LYS C 17 4.09 -8.21 -0.52
N PHE C 18 4.21 -7.87 0.77
CA PHE C 18 3.06 -7.91 1.67
C PHE C 18 3.29 -6.92 2.81
N GLY C 19 2.41 -5.92 2.93
CA GLY C 19 2.55 -4.96 4.02
C GLY C 19 3.89 -4.25 3.98
N SER C 20 4.49 -4.08 5.15
CA SER C 20 5.83 -3.47 5.25
C SER C 20 6.94 -4.51 5.07
N GLY C 21 6.64 -5.66 4.47
CA GLY C 21 7.65 -6.67 4.22
C GLY C 21 7.29 -7.61 3.09
N TRP C 22 7.41 -8.91 3.36
CA TRP C 22 7.14 -9.94 2.35
C TRP C 22 6.45 -11.13 3.00
N GLY C 23 5.96 -12.04 2.16
CA GLY C 23 5.41 -13.30 2.60
C GLY C 23 5.79 -14.40 1.64
N PHE C 24 5.31 -15.61 1.93
CA PHE C 24 5.78 -16.80 1.23
C PHE C 24 4.60 -17.73 1.03
N TRP C 25 4.33 -18.09 -0.22
CA TRP C 25 3.31 -19.06 -0.58
C TRP C 25 3.90 -20.46 -0.36
N VAL C 26 3.54 -21.08 0.76
CA VAL C 26 3.88 -22.48 0.99
C VAL C 26 3.08 -23.40 0.06
N SER C 27 1.87 -23.02 -0.31
CA SER C 27 1.06 -23.85 -1.19
C SER C 27 0.07 -22.94 -1.91
N PRO C 28 -0.83 -23.49 -2.74
CA PRO C 28 -1.83 -22.63 -3.40
C PRO C 28 -2.77 -21.95 -2.43
N THR C 29 -2.90 -22.47 -1.20
CA THR C 29 -3.87 -21.95 -0.25
C THR C 29 -3.25 -21.51 1.09
N VAL C 30 -1.93 -21.64 1.28
CA VAL C 30 -1.27 -21.34 2.55
C VAL C 30 -0.16 -20.30 2.32
N PHE C 31 -0.20 -19.22 3.10
CA PHE C 31 0.68 -18.06 2.95
C PHE C 31 1.21 -17.70 4.33
N ILE C 32 2.53 -17.47 4.46
CA ILE C 32 3.11 -17.21 5.77
C ILE C 32 3.89 -15.90 5.77
N THR C 33 3.96 -15.25 6.92
CA THR C 33 4.69 -14.00 7.00
C THR C 33 5.02 -13.73 8.47
N THR C 34 5.77 -12.66 8.69
CA THR C 34 6.08 -12.20 10.04
C THR C 34 4.97 -11.26 10.48
N THR C 35 4.50 -11.47 11.71
CA THR C 35 3.32 -10.76 12.17
C THR C 35 3.45 -9.25 11.98
N HIS C 36 4.59 -8.67 12.37
CA HIS C 36 4.66 -7.22 12.44
C HIS C 36 4.67 -6.54 11.07
N VAL C 37 4.67 -7.28 9.97
CA VAL C 37 4.52 -6.66 8.64
C VAL C 37 3.07 -6.73 8.12
N VAL C 38 2.20 -7.50 8.77
CA VAL C 38 0.85 -7.76 8.24
C VAL C 38 0.03 -6.49 8.31
N PRO C 39 -0.65 -6.08 7.23
CA PRO C 39 -1.63 -4.99 7.36
C PRO C 39 -2.69 -5.33 8.40
N THR C 40 -3.16 -4.31 9.10
CA THR C 40 -4.19 -4.49 10.11
C THR C 40 -5.41 -3.67 9.73
N GLY C 41 -6.54 -4.03 10.35
CA GLY C 41 -7.80 -3.39 10.07
C GLY C 41 -8.15 -3.39 8.60
N VAL C 42 -7.97 -4.54 7.94
CA VAL C 42 -8.12 -4.66 6.49
C VAL C 42 -9.41 -5.39 6.19
N LYS C 43 -10.08 -4.94 5.11
CA LYS C 43 -11.28 -5.64 4.63
C LYS C 43 -10.96 -7.08 4.28
N GLU C 44 -9.92 -7.28 3.46
CA GLU C 44 -9.59 -8.58 2.90
C GLU C 44 -8.09 -8.64 2.66
N PHE C 45 -7.63 -9.86 2.35
CA PHE C 45 -6.26 -10.11 1.93
C PHE C 45 -6.29 -10.71 0.52
N PHE C 46 -5.49 -10.20 -0.41
CA PHE C 46 -5.40 -10.67 -1.81
C PHE C 46 -6.79 -10.64 -2.41
N GLY C 47 -7.52 -9.58 -2.09
CA GLY C 47 -8.91 -9.35 -2.53
C GLY C 47 -9.80 -10.53 -2.22
N GLU C 48 -9.68 -11.08 -1.01
CA GLU C 48 -10.53 -12.16 -0.47
C GLU C 48 -11.03 -11.75 0.92
N PRO C 49 -12.31 -11.93 1.30
CA PRO C 49 -12.78 -11.52 2.62
C PRO C 49 -12.10 -12.31 3.75
N LEU C 50 -12.15 -11.76 4.96
CA LEU C 50 -11.43 -12.30 6.11
C LEU C 50 -11.94 -13.69 6.50
N ILE C 53 -10.75 -17.08 5.22
CA ILE C 53 -9.37 -17.15 5.67
C ILE C 53 -9.26 -17.51 7.14
N ALA C 54 -8.64 -18.65 7.43
CA ALA C 54 -8.23 -19.00 8.79
C ALA C 54 -6.85 -18.41 9.04
N ILE C 55 -6.73 -17.58 10.09
CA ILE C 55 -5.50 -16.89 10.43
C ILE C 55 -4.97 -17.43 11.75
N HIS C 56 -3.67 -17.73 11.80
CA HIS C 56 -3.02 -18.19 13.01
C HIS C 56 -1.78 -17.35 13.26
N GLN C 57 -1.70 -16.75 14.45
CA GLN C 57 -0.60 -15.87 14.83
C GLN C 57 -0.09 -16.21 16.22
N ALA C 58 1.22 -16.35 16.34
CA ALA C 58 1.86 -16.52 17.63
C ALA C 58 3.35 -16.29 17.47
N GLY C 59 3.96 -15.63 18.45
CA GLY C 59 5.39 -15.44 18.49
C GLY C 59 5.97 -14.80 17.24
N GLU C 60 5.18 -13.95 16.58
CA GLU C 60 5.55 -13.18 15.40
C GLU C 60 5.48 -14.01 14.13
N PHE C 61 4.96 -15.23 14.19
CA PHE C 61 4.70 -16.04 13.01
C PHE C 61 3.21 -15.95 12.69
N THR C 62 2.89 -15.59 11.44
CA THR C 62 1.53 -15.46 10.96
C THR C 62 1.28 -16.39 9.76
N GLN C 63 0.17 -17.12 9.78
CA GLN C 63 -0.18 -18.02 8.69
C GLN C 63 -1.61 -17.77 8.25
N PHE C 64 -1.80 -17.66 6.93
CA PHE C 64 -3.11 -17.56 6.28
C PHE C 64 -3.43 -18.87 5.57
N ARG C 65 -4.67 -19.36 5.70
CA ARG C 65 -5.16 -20.55 4.99
C ARG C 65 -6.45 -20.09 4.32
N PHE C 66 -6.46 -19.96 2.99
CA PHE C 66 -7.60 -19.49 2.22
C PHE C 66 -8.50 -20.66 1.83
N SER C 67 -9.79 -20.35 1.68
CA SER C 67 -10.76 -21.32 1.18
C SER C 67 -10.72 -21.47 -0.34
N LYS C 68 -9.91 -20.65 -1.02
CA LYS C 68 -9.75 -20.69 -2.47
C LYS C 68 -8.26 -20.84 -2.78
N LYS C 69 -7.97 -21.45 -3.93
CA LYS C 69 -6.60 -21.61 -4.38
C LYS C 69 -6.17 -20.28 -4.98
N MET C 70 -5.27 -19.57 -4.31
CA MET C 70 -4.82 -18.27 -4.79
C MET C 70 -3.65 -18.40 -5.76
N ARG C 71 -2.75 -19.34 -5.50
CA ARG C 71 -1.61 -19.61 -6.38
C ARG C 71 -1.71 -21.04 -6.89
N PRO C 72 -2.74 -21.36 -7.68
CA PRO C 72 -2.92 -22.76 -8.13
C PRO C 72 -1.82 -23.26 -9.04
N ASP C 73 -0.84 -22.42 -9.37
CA ASP C 73 0.31 -22.85 -10.16
C ASP C 73 1.34 -23.57 -9.32
N LEU C 74 1.30 -23.42 -8.01
CA LEU C 74 2.32 -23.98 -7.14
C LEU C 74 1.95 -25.37 -6.65
N THR C 75 2.96 -26.20 -6.46
CA THR C 75 2.84 -27.40 -5.66
C THR C 75 3.01 -27.06 -4.19
N GLY C 76 2.38 -27.85 -3.33
CA GLY C 76 2.71 -27.79 -1.91
C GLY C 76 4.17 -28.11 -1.68
N MET C 77 4.66 -27.63 -0.53
CA MET C 77 6.00 -27.94 -0.06
C MET C 77 5.92 -28.16 1.45
N VAL C 78 7.05 -28.53 2.05
CA VAL C 78 7.12 -28.81 3.47
C VAL C 78 7.35 -27.53 4.24
N LEU C 79 6.50 -27.28 5.25
CA LEU C 79 6.73 -26.25 6.27
C LEU C 79 7.06 -26.93 7.58
N GLU C 80 8.20 -26.61 8.19
CA GLU C 80 8.58 -27.13 9.50
C GLU C 80 8.73 -25.99 10.50
N GLU C 81 8.70 -26.35 11.75
CA GLU C 81 8.84 -25.39 12.84
C GLU C 81 10.32 -25.31 13.20
N GLY C 82 11.05 -24.44 12.52
CA GLY C 82 12.48 -24.33 12.75
C GLY C 82 13.26 -25.42 12.03
N CYS C 83 14.54 -25.47 12.33
CA CYS C 83 15.40 -26.50 11.75
C CYS C 83 16.46 -26.86 12.78
N PRO C 84 17.16 -27.97 12.58
CA PRO C 84 18.27 -28.30 13.48
C PRO C 84 19.34 -27.21 13.43
N GLU C 85 20.00 -26.98 14.56
CA GLU C 85 21.21 -26.17 14.52
C GLU C 85 22.14 -26.78 13.49
N GLY C 86 23.18 -26.05 13.09
CA GLY C 86 24.07 -26.53 12.06
C GLY C 86 23.50 -26.53 10.66
N THR C 87 22.19 -26.34 10.52
CA THR C 87 21.59 -26.28 9.19
C THR C 87 21.96 -24.94 8.54
N VAL C 88 22.69 -25.00 7.43
CA VAL C 88 22.86 -23.79 6.64
C VAL C 88 21.67 -23.65 5.74
N CYS C 89 20.92 -22.58 5.91
CA CYS C 89 19.75 -22.24 5.13
C CYS C 89 20.09 -21.08 4.20
N SER C 90 19.16 -20.77 3.32
CA SER C 90 19.27 -19.58 2.49
C SER C 90 18.03 -18.74 2.71
N VAL C 91 18.23 -17.47 3.01
CA VAL C 91 17.16 -16.51 3.17
C VAL C 91 16.93 -15.86 1.82
N LEU C 92 15.72 -16.02 1.29
CA LEU C 92 15.38 -15.57 -0.05
C LEU C 92 14.92 -14.13 0.03
N ILE C 93 15.91 -13.23 0.03
CA ILE C 93 15.66 -11.80 0.11
C ILE C 93 15.41 -11.27 -1.31
N LYS C 94 14.21 -10.73 -1.54
CA LYS C 94 13.92 -9.88 -2.68
C LYS C 94 14.02 -8.43 -2.23
N ARG C 95 14.58 -7.57 -3.08
CA ARG C 95 14.62 -6.15 -2.79
C ARG C 95 13.72 -5.38 -3.75
N ASP C 96 13.38 -4.15 -3.33
CA ASP C 96 12.51 -3.29 -4.13
C ASP C 96 13.00 -3.15 -5.55
N SER C 97 14.31 -3.17 -5.76
CA SER C 97 14.90 -3.03 -7.08
C SER C 97 14.59 -4.20 -7.98
N GLY C 98 14.11 -5.31 -7.43
CA GLY C 98 14.00 -6.55 -8.14
C GLY C 98 15.19 -7.48 -7.98
N GLU C 99 16.32 -6.98 -7.50
CA GLU C 99 17.44 -7.84 -7.20
C GLU C 99 17.05 -8.97 -6.26
N LEU C 100 17.52 -10.17 -6.58
CA LEU C 100 17.36 -11.34 -5.74
C LEU C 100 18.65 -11.55 -4.97
N LEU C 101 18.55 -11.71 -3.64
CA LEU C 101 19.72 -11.83 -2.78
C LEU C 101 19.56 -13.03 -1.85
N PRO C 102 19.97 -14.22 -2.28
CA PRO C 102 19.97 -15.37 -1.36
C PRO C 102 21.11 -15.22 -0.36
N LEU C 103 20.76 -15.28 0.93
CA LEU C 103 21.74 -15.12 2.01
C LEU C 103 21.89 -16.44 2.76
N ALA C 104 23.12 -16.98 2.75
CA ALA C 104 23.42 -18.18 3.51
C ALA C 104 23.44 -17.88 5.01
N VAL C 105 22.86 -18.77 5.80
CA VAL C 105 22.78 -18.60 7.24
C VAL C 105 23.02 -19.94 7.90
N ARG C 106 24.07 -20.02 8.72
CA ARG C 106 24.26 -21.17 9.60
C ARG C 106 23.31 -20.99 10.77
N MET C 107 22.25 -21.78 10.81
CA MET C 107 21.25 -21.62 11.85
C MET C 107 21.78 -22.07 13.19
N GLY C 108 21.30 -21.44 14.25
CA GLY C 108 21.63 -21.73 15.63
C GLY C 108 20.52 -22.47 16.34
N ALA C 109 20.26 -22.07 17.58
CA ALA C 109 19.34 -22.77 18.47
C ALA C 109 17.97 -22.13 18.42
N ILE C 110 16.93 -22.96 18.28
CA ILE C 110 15.58 -22.48 18.50
C ILE C 110 15.45 -21.99 19.93
N ALA C 111 14.81 -20.84 20.11
CA ALA C 111 14.63 -20.26 21.43
C ALA C 111 13.52 -19.23 21.37
N SER C 112 13.09 -18.80 22.56
CA SER C 112 12.05 -17.80 22.70
C SER C 112 12.70 -16.52 23.22
N MET C 113 12.54 -15.43 22.46
CA MET C 113 13.23 -14.18 22.73
C MET C 113 12.25 -13.05 22.55
N ARG C 114 12.44 -11.99 23.33
CA ARG C 114 11.65 -10.77 23.20
C ARG C 114 12.51 -9.72 22.53
N ILE C 115 12.01 -9.14 21.44
CA ILE C 115 12.71 -8.11 20.68
C ILE C 115 11.79 -6.91 20.59
N GLN C 116 12.25 -5.76 21.09
CA GLN C 116 11.47 -4.52 21.01
C GLN C 116 10.03 -4.75 21.45
N GLY C 117 9.88 -5.48 22.56
CA GLY C 117 8.56 -5.67 23.14
C GLY C 117 7.67 -6.62 22.37
N ARG C 118 8.24 -7.59 21.69
CA ARG C 118 7.47 -8.63 21.02
C ARG C 118 8.13 -9.97 21.27
N LEU C 119 7.38 -10.92 21.81
CA LEU C 119 7.91 -12.27 21.98
C LEU C 119 8.06 -12.90 20.60
N VAL C 120 9.28 -13.36 20.29
CA VAL C 120 9.57 -14.03 19.02
C VAL C 120 9.89 -15.47 19.34
N HIS C 121 8.97 -16.36 19.01
CA HIS C 121 9.24 -17.80 18.97
C HIS C 121 10.04 -18.05 17.69
N GLY C 122 11.37 -18.09 17.80
CA GLY C 122 12.18 -18.09 16.59
C GLY C 122 13.49 -18.83 16.70
N GLN C 123 14.40 -18.56 15.77
CA GLN C 123 15.66 -19.29 15.70
C GLN C 123 16.74 -18.34 15.22
N SER C 124 17.89 -18.35 15.91
CA SER C 124 19.03 -17.53 15.59
C SER C 124 19.87 -18.14 14.47
N GLY C 125 20.58 -17.28 13.74
CA GLY C 125 21.51 -17.76 12.74
C GLY C 125 22.58 -16.73 12.42
N MET C 126 23.73 -17.23 12.01
CA MET C 126 24.85 -16.40 11.59
C MET C 126 24.97 -16.48 10.07
N LEU C 127 25.12 -15.33 9.43
CA LEU C 127 25.32 -15.33 7.99
C LEU C 127 26.70 -15.84 7.63
N LEU C 128 26.91 -16.05 6.34
CA LEU C 128 28.23 -16.44 5.83
C LEU C 128 28.68 -15.54 4.68
N LEU C 138 25.65 -6.39 2.50
CA LEU C 138 25.21 -7.74 2.16
C LEU C 138 24.44 -8.36 3.31
N GLY C 139 23.88 -7.52 4.18
CA GLY C 139 23.06 -7.99 5.28
C GLY C 139 21.59 -7.78 5.06
N THR C 140 20.80 -8.07 6.08
CA THR C 140 19.37 -7.78 6.04
C THR C 140 19.12 -6.36 6.54
N ILE C 141 17.99 -5.81 6.13
CA ILE C 141 17.67 -4.40 6.34
C ILE C 141 16.18 -4.28 6.60
N PRO C 142 15.72 -3.12 7.07
CA PRO C 142 14.26 -2.90 7.14
C PRO C 142 13.60 -3.18 5.79
N GLY C 143 12.37 -3.69 5.86
CA GLY C 143 11.65 -4.12 4.69
C GLY C 143 11.89 -5.55 4.28
N ASP C 144 12.92 -6.20 4.84
CA ASP C 144 13.21 -7.59 4.47
C ASP C 144 12.32 -8.60 5.17
N CYS C 145 11.75 -8.24 6.33
CA CYS C 145 11.00 -9.19 7.14
C CYS C 145 9.91 -9.87 6.32
N GLY C 146 9.74 -11.17 6.56
CA GLY C 146 8.84 -12.00 5.78
C GLY C 146 9.54 -12.93 4.81
N ALA C 147 10.78 -12.63 4.45
CA ALA C 147 11.50 -13.47 3.51
C ALA C 147 11.66 -14.88 4.09
N PRO C 148 11.58 -15.91 3.26
CA PRO C 148 11.64 -17.28 3.79
C PRO C 148 13.06 -17.72 4.08
N TYR C 149 13.18 -18.59 5.08
CA TYR C 149 14.39 -19.37 5.31
C TYR C 149 14.10 -20.76 4.77
N VAL C 150 14.95 -21.26 3.86
CA VAL C 150 14.70 -22.52 3.22
C VAL C 150 15.94 -23.39 3.27
N HIS C 151 15.71 -24.68 3.10
CA HIS C 151 16.77 -25.64 2.81
C HIS C 151 16.12 -26.76 2.02
N LYS C 152 16.94 -27.61 1.43
CA LYS C 152 16.45 -28.71 0.62
C LYS C 152 16.88 -30.03 1.24
N ARG C 153 15.93 -30.96 1.35
CA ARG C 153 16.17 -32.28 1.90
C ARG C 153 15.68 -33.29 0.88
N GLY C 154 16.61 -33.99 0.24
CA GLY C 154 16.22 -34.89 -0.83
C GLY C 154 15.54 -34.10 -1.92
N ASN C 155 14.41 -34.62 -2.39
CA ASN C 155 13.61 -33.95 -3.40
C ASN C 155 12.64 -32.94 -2.80
N ASP C 156 12.85 -32.55 -1.54
CA ASP C 156 11.91 -31.69 -0.83
C ASP C 156 12.56 -30.35 -0.53
N TRP C 157 11.94 -29.28 -1.02
CA TRP C 157 12.27 -27.93 -0.59
C TRP C 157 11.49 -27.63 0.68
N VAL C 158 12.19 -27.17 1.72
CA VAL C 158 11.62 -27.02 3.05
C VAL C 158 11.80 -25.58 3.51
N VAL C 159 10.69 -24.93 3.90
CA VAL C 159 10.76 -23.60 4.49
C VAL C 159 10.57 -23.72 6.00
N CYS C 160 11.49 -23.12 6.74
CA CYS C 160 11.64 -23.34 8.17
C CYS C 160 11.34 -22.10 9.01
N GLY C 161 11.21 -20.93 8.40
CA GLY C 161 10.98 -19.71 9.16
C GLY C 161 10.81 -18.53 8.23
N VAL C 162 10.55 -17.37 8.85
CA VAL C 162 10.32 -16.11 8.16
C VAL C 162 11.17 -15.06 8.89
N HIS C 163 11.79 -14.16 8.11
CA HIS C 163 12.77 -13.25 8.67
C HIS C 163 12.09 -12.24 9.59
N ALA C 164 12.69 -12.05 10.76
CA ALA C 164 12.13 -11.29 11.86
C ALA C 164 13.02 -10.17 12.36
N ALA C 165 14.33 -10.39 12.47
CA ALA C 165 15.22 -9.39 13.04
C ALA C 165 16.66 -9.73 12.70
N ALA C 166 17.57 -8.89 13.20
CA ALA C 166 19.00 -9.04 13.01
C ALA C 166 19.72 -8.18 14.03
N THR C 167 21.01 -8.51 14.22
CA THR C 167 21.94 -7.70 15.01
C THR C 167 21.96 -6.30 14.45
N ASN C 171 25.71 -9.39 12.39
CA ASN C 171 26.24 -10.60 11.79
C ASN C 171 25.38 -11.82 12.09
N THR C 172 24.41 -11.63 12.97
CA THR C 172 23.46 -12.66 13.33
C THR C 172 22.06 -12.20 12.94
N VAL C 173 21.21 -13.17 12.56
CA VAL C 173 19.85 -12.89 12.15
C VAL C 173 18.92 -13.85 12.89
N VAL C 174 17.62 -13.53 12.85
CA VAL C 174 16.63 -14.33 13.57
C VAL C 174 15.36 -14.43 12.73
N CYS C 175 14.88 -15.65 12.55
CA CYS C 175 13.60 -15.92 11.92
C CYS C 175 12.58 -16.38 12.95
N ALA C 176 11.32 -16.05 12.70
CA ALA C 176 10.22 -16.61 13.48
C ALA C 176 9.86 -17.98 12.95
N VAL C 177 9.38 -18.84 13.86
CA VAL C 177 8.93 -20.19 13.51
C VAL C 177 7.53 -20.40 14.09
N GLN C 178 6.81 -21.36 13.53
CA GLN C 178 5.42 -21.59 13.95
C GLN C 178 5.36 -22.15 15.36
N HIS D 6 2.08 0.80 14.08
CA HIS D 6 1.39 1.04 12.77
C HIS D 6 -0.12 0.93 12.90
N ALA D 7 -0.77 1.96 13.43
CA ALA D 7 -2.22 1.98 13.49
C ALA D 7 -2.78 2.09 12.08
N PRO D 8 -3.74 1.25 11.69
CA PRO D 8 -4.23 1.25 10.31
C PRO D 8 -5.17 2.42 10.05
N PRO D 9 -5.45 2.70 8.78
CA PRO D 9 -6.33 3.84 8.46
C PRO D 9 -7.73 3.76 9.04
N THR D 10 -8.39 2.59 9.03
CA THR D 10 -9.75 2.54 9.54
C THR D 10 -9.80 2.79 11.05
N LEU D 11 -8.75 2.43 11.77
CA LEU D 11 -8.67 2.75 13.20
C LEU D 11 -8.64 4.25 13.42
N TRP D 12 -7.79 4.95 12.65
CA TRP D 12 -7.76 6.40 12.68
C TRP D 12 -9.10 7.02 12.25
N SER D 13 -9.82 6.39 11.33
CA SER D 13 -11.10 6.93 10.89
C SER D 13 -12.14 6.93 11.99
N ARG D 14 -11.94 6.13 13.03
CA ARG D 14 -12.81 6.12 14.21
C ARG D 14 -12.67 7.37 15.07
N VAL D 15 -11.53 8.07 14.96
CA VAL D 15 -11.23 9.27 15.75
C VAL D 15 -11.94 10.46 15.13
N THR D 16 -12.84 11.06 15.89
CA THR D 16 -13.86 11.96 15.39
C THR D 16 -13.81 13.26 16.17
N LYS D 17 -13.78 14.39 15.46
CA LYS D 17 -13.81 15.68 16.17
C LYS D 17 -15.09 15.76 17.00
N PHE D 18 -14.99 16.27 18.22
CA PHE D 18 -16.16 16.28 19.10
C PHE D 18 -16.02 17.28 20.23
N GLY D 19 -16.90 18.28 20.24
CA GLY D 19 -16.80 19.34 21.23
C GLY D 19 -15.45 20.02 21.17
N SER D 20 -14.87 20.26 22.34
CA SER D 20 -13.55 20.83 22.50
C SER D 20 -12.44 19.79 22.39
N GLY D 21 -12.75 18.58 21.95
CA GLY D 21 -11.74 17.57 21.75
C GLY D 21 -12.11 16.59 20.65
N TRP D 22 -11.96 15.30 20.95
CA TRP D 22 -12.20 14.19 20.05
C TRP D 22 -13.05 13.14 20.74
N GLY D 23 -13.54 12.19 19.93
CA GLY D 23 -14.16 10.98 20.41
C GLY D 23 -13.82 9.82 19.48
N PHE D 24 -14.40 8.65 19.76
CA PHE D 24 -13.96 7.41 19.13
C PHE D 24 -15.09 6.40 19.03
N TRP D 25 -15.30 5.94 17.78
CA TRP D 25 -16.33 4.97 17.45
C TRP D 25 -15.78 3.60 17.82
N VAL D 26 -16.30 3.01 18.89
CA VAL D 26 -15.85 1.66 19.22
C VAL D 26 -16.53 0.64 18.31
N SER D 27 -17.74 0.95 17.86
CA SER D 27 -18.60 0.08 17.06
C SER D 27 -19.52 1.00 16.25
N PRO D 28 -20.38 0.43 15.40
CA PRO D 28 -21.32 1.29 14.63
C PRO D 28 -22.24 2.12 15.48
N THR D 29 -22.49 1.72 16.73
CA THR D 29 -23.42 2.41 17.59
C THR D 29 -22.80 2.95 18.88
N VAL D 30 -21.56 2.58 19.21
CA VAL D 30 -20.94 3.01 20.47
C VAL D 30 -19.81 4.03 20.19
N PHE D 31 -19.95 5.21 20.83
CA PHE D 31 -19.01 6.34 20.78
C PHE D 31 -18.50 6.65 22.18
N ILE D 32 -17.17 6.79 22.34
CA ILE D 32 -16.60 7.09 23.64
C ILE D 32 -15.80 8.38 23.57
N THR D 33 -15.76 9.07 24.71
CA THR D 33 -15.05 10.34 24.79
C THR D 33 -14.79 10.68 26.25
N THR D 34 -14.17 11.83 26.44
CA THR D 34 -13.87 12.39 27.75
C THR D 34 -14.98 13.34 28.14
N THR D 35 -15.51 13.17 29.36
CA THR D 35 -16.71 13.87 29.75
C THR D 35 -16.57 15.38 29.62
N HIS D 36 -15.43 15.95 30.00
CA HIS D 36 -15.34 17.41 30.03
C HIS D 36 -15.24 18.05 28.66
N VAL D 37 -15.03 17.27 27.58
CA VAL D 37 -15.08 17.85 26.24
C VAL D 37 -16.44 17.66 25.59
N VAL D 38 -17.35 16.90 26.21
CA VAL D 38 -18.66 16.68 25.59
C VAL D 38 -19.39 18.02 25.47
N PRO D 39 -19.97 18.36 24.32
CA PRO D 39 -20.70 19.62 24.24
C PRO D 39 -21.87 19.64 25.21
N THR D 40 -22.12 20.81 25.80
CA THR D 40 -23.23 21.00 26.72
C THR D 40 -24.18 22.05 26.16
N GLY D 41 -25.46 21.91 26.48
CA GLY D 41 -26.50 22.73 25.91
C GLY D 41 -27.11 22.20 24.64
N VAL D 42 -26.55 21.15 24.06
CA VAL D 42 -27.05 20.63 22.80
C VAL D 42 -28.18 19.64 23.08
N LYS D 43 -29.10 19.52 22.13
CA LYS D 43 -30.19 18.56 22.21
C LYS D 43 -30.01 17.40 21.24
N GLU D 44 -28.85 17.34 20.62
CA GLU D 44 -28.57 16.27 19.64
C GLU D 44 -27.06 16.12 19.48
N PHE D 45 -26.63 14.89 19.26
CA PHE D 45 -25.26 14.58 18.88
C PHE D 45 -25.30 13.88 17.52
N PHE D 46 -24.49 14.38 16.59
CA PHE D 46 -24.51 13.90 15.21
C PHE D 46 -25.94 13.87 14.68
N GLY D 47 -26.74 14.85 15.08
CA GLY D 47 -28.10 14.97 14.59
C GLY D 47 -29.10 14.05 15.23
N GLU D 48 -28.67 13.20 16.14
CA GLU D 48 -29.63 12.28 16.75
C GLU D 48 -30.16 12.87 18.06
N PRO D 49 -31.47 12.80 18.29
CA PRO D 49 -32.03 13.40 19.50
C PRO D 49 -31.62 12.62 20.74
N LEU D 50 -31.51 13.34 21.86
CA LEU D 50 -31.11 12.72 23.12
C LEU D 50 -32.00 11.53 23.48
N SER D 51 -33.29 11.60 23.15
CA SER D 51 -34.17 10.46 23.33
C SER D 51 -33.60 9.19 22.71
N SER D 52 -32.78 9.35 21.69
CA SER D 52 -32.27 8.27 20.85
C SER D 52 -30.99 7.65 21.38
N ILE D 53 -30.45 8.13 22.50
CA ILE D 53 -29.08 7.81 22.89
C ILE D 53 -29.07 7.40 24.37
N ALA D 54 -28.50 6.23 24.66
CA ALA D 54 -28.19 5.84 26.01
C ALA D 54 -26.81 6.38 26.35
N ILE D 55 -26.73 7.21 27.39
CA ILE D 55 -25.51 7.93 27.72
C ILE D 55 -25.11 7.55 29.13
N HIS D 56 -23.91 7.00 29.28
CA HIS D 56 -23.32 6.74 30.60
C HIS D 56 -21.99 7.48 30.73
N GLN D 57 -21.77 8.02 31.92
CA GLN D 57 -20.65 8.88 32.23
C GLN D 57 -20.25 8.56 33.67
N ALA D 58 -18.95 8.49 33.90
CA ALA D 58 -18.44 8.26 35.25
C ALA D 58 -16.95 8.52 35.24
N GLY D 59 -16.49 9.32 36.20
CA GLY D 59 -15.05 9.52 36.34
C GLY D 59 -14.38 9.99 35.09
N GLU D 60 -15.05 10.86 34.31
CA GLU D 60 -14.57 11.53 33.10
C GLU D 60 -14.57 10.61 31.88
N PHE D 61 -15.18 9.43 31.97
CA PHE D 61 -15.36 8.54 30.83
C PHE D 61 -16.84 8.59 30.42
N THR D 62 -17.09 8.98 29.17
CA THR D 62 -18.43 9.05 28.60
C THR D 62 -18.59 8.04 27.46
N GLN D 63 -19.73 7.35 27.46
CA GLN D 63 -20.10 6.38 26.44
C GLN D 63 -21.49 6.75 25.92
N PHE D 64 -21.63 6.79 24.61
CA PHE D 64 -22.90 6.93 23.90
C PHE D 64 -23.19 5.60 23.20
N ARG D 65 -24.43 5.12 23.32
CA ARG D 65 -24.93 4.01 22.53
C ARG D 65 -26.12 4.56 21.74
N PHE D 66 -25.95 4.68 20.44
CA PHE D 66 -27.01 5.22 19.60
C PHE D 66 -28.01 4.15 19.25
N SER D 67 -29.26 4.57 19.06
CA SER D 67 -30.28 3.65 18.56
C SER D 67 -30.03 3.26 17.11
N LYS D 68 -29.48 4.15 16.32
CA LYS D 68 -29.23 3.91 14.91
C LYS D 68 -27.77 3.53 14.67
N LYS D 69 -27.53 2.84 13.56
CA LYS D 69 -26.19 2.49 13.13
C LYS D 69 -25.54 3.73 12.54
N MET D 70 -24.66 4.37 13.30
CA MET D 70 -24.06 5.62 12.89
C MET D 70 -22.85 5.41 12.00
N ARG D 71 -22.07 4.37 12.27
CA ARG D 71 -20.86 4.08 11.49
C ARG D 71 -20.89 2.63 11.01
N PRO D 72 -21.86 2.29 10.14
CA PRO D 72 -22.05 0.86 9.79
C PRO D 72 -20.89 0.28 9.04
N ASP D 73 -19.93 1.11 8.64
CA ASP D 73 -18.72 0.62 8.00
C ASP D 73 -17.80 -0.11 8.96
N LEU D 74 -17.91 0.16 10.28
CA LEU D 74 -16.93 -0.29 11.26
C LEU D 74 -17.29 -1.64 11.83
N THR D 75 -16.27 -2.44 12.07
CA THR D 75 -16.39 -3.60 12.93
C THR D 75 -16.43 -3.13 14.38
N GLY D 76 -17.02 -3.96 15.24
CA GLY D 76 -16.99 -3.70 16.68
C GLY D 76 -15.68 -4.22 17.26
N MET D 77 -14.96 -3.34 17.94
CA MET D 77 -13.73 -3.73 18.62
C MET D 77 -13.95 -3.78 20.12
N VAL D 78 -12.99 -4.39 20.82
CA VAL D 78 -13.10 -4.60 22.25
C VAL D 78 -12.72 -3.32 22.98
N LEU D 79 -13.61 -2.85 23.82
CA LEU D 79 -13.27 -1.82 24.80
C LEU D 79 -12.91 -2.51 26.12
N GLU D 80 -11.66 -2.35 26.55
CA GLU D 80 -11.19 -2.94 27.79
C GLU D 80 -11.22 -1.93 28.93
N GLU D 81 -11.30 -2.46 30.14
CA GLU D 81 -11.26 -1.66 31.38
C GLU D 81 -9.81 -1.31 31.67
N GLY D 82 -9.30 -0.32 30.97
CA GLY D 82 -7.88 0.03 31.06
C GLY D 82 -7.07 -1.11 30.48
N CYS D 83 -5.72 -0.95 30.53
CA CYS D 83 -4.84 -2.02 30.03
C CYS D 83 -3.85 -2.46 31.11
N PRO D 84 -3.10 -3.55 30.89
CA PRO D 84 -2.10 -3.96 31.88
C PRO D 84 -0.95 -2.97 31.99
N GLU D 85 -0.45 -2.81 33.22
CA GLU D 85 0.71 -1.95 33.46
C GLU D 85 1.87 -2.40 32.59
N GLY D 86 2.76 -1.46 32.31
CA GLY D 86 3.91 -1.72 31.47
C GLY D 86 3.63 -1.81 29.99
N THR D 87 2.38 -2.09 29.60
CA THR D 87 2.01 -2.12 28.19
C THR D 87 2.21 -0.76 27.54
N VAL D 88 2.63 -0.77 26.29
CA VAL D 88 2.84 0.45 25.51
C VAL D 88 1.67 0.61 24.54
N CYS D 89 0.83 1.60 24.82
CA CYS D 89 -0.27 1.97 23.95
C CYS D 89 0.15 3.13 23.04
N SER D 90 -0.64 3.35 22.00
CA SER D 90 -0.56 4.56 21.19
C SER D 90 -1.76 5.43 21.52
N VAL D 91 -1.54 6.71 21.74
CA VAL D 91 -2.62 7.69 21.76
C VAL D 91 -2.79 8.19 20.34
N LEU D 92 -3.96 7.95 19.75
CA LEU D 92 -4.25 8.36 18.36
C LEU D 92 -4.65 9.84 18.35
N ILE D 93 -3.65 10.71 18.34
CA ILE D 93 -3.85 12.15 18.38
C ILE D 93 -4.00 12.70 16.96
N LYS D 94 -5.18 13.27 16.65
CA LYS D 94 -5.38 14.06 15.43
C LYS D 94 -5.36 15.54 15.76
N ARG D 95 -4.65 16.32 14.96
CA ARG D 95 -4.69 17.76 15.06
C ARG D 95 -5.63 18.35 14.01
N ASP D 96 -6.03 19.61 14.26
CA ASP D 96 -6.97 20.26 13.35
C ASP D 96 -6.38 20.43 11.96
N SER D 97 -5.06 20.55 11.89
CA SER D 97 -4.33 20.46 10.63
C SER D 97 -4.75 19.26 9.81
N GLY D 98 -5.23 18.20 10.47
CA GLY D 98 -5.36 16.91 9.84
C GLY D 98 -4.16 16.01 10.05
N GLU D 99 -3.06 16.56 10.55
CA GLU D 99 -1.88 15.75 10.83
C GLU D 99 -2.21 14.68 11.87
N LEU D 100 -1.71 13.46 11.62
CA LEU D 100 -1.76 12.40 12.62
C LEU D 100 -0.50 12.45 13.48
N LEU D 101 -0.68 12.32 14.79
CA LEU D 101 0.43 12.42 15.75
C LEU D 101 0.29 11.30 16.76
N PRO D 102 0.60 10.07 16.35
CA PRO D 102 0.53 8.93 17.30
C PRO D 102 1.61 9.08 18.37
N LEU D 103 1.20 8.92 19.63
CA LEU D 103 2.10 9.01 20.77
C LEU D 103 2.15 7.67 21.50
N ALA D 104 3.36 7.20 21.79
CA ALA D 104 3.57 5.94 22.48
C ALA D 104 3.81 6.23 23.95
N VAL D 105 3.05 5.55 24.82
CA VAL D 105 3.10 5.77 26.26
C VAL D 105 3.16 4.42 26.96
N ARG D 106 4.04 4.34 27.98
CA ARG D 106 4.07 3.25 28.95
C ARG D 106 2.96 3.47 29.99
N MET D 107 2.02 2.54 30.08
CA MET D 107 0.88 2.73 30.99
C MET D 107 1.25 2.25 32.39
N GLY D 108 0.90 3.05 33.39
CA GLY D 108 1.05 2.74 34.79
C GLY D 108 -0.22 2.25 35.43
N ALA D 109 -0.39 2.56 36.71
CA ALA D 109 -1.45 1.96 37.50
C ALA D 109 -2.77 2.68 37.31
N ILE D 110 -3.86 1.91 37.39
CA ILE D 110 -5.20 2.48 37.40
C ILE D 110 -5.48 3.06 38.78
N ALA D 111 -5.91 4.32 38.80
CA ALA D 111 -6.25 4.97 40.07
C ALA D 111 -7.23 6.08 39.75
N SER D 112 -7.95 6.50 40.77
CA SER D 112 -8.76 7.68 40.67
C SER D 112 -8.01 8.85 41.28
N MET D 113 -8.19 10.01 40.69
CA MET D 113 -7.45 11.19 41.10
C MET D 113 -8.25 12.39 40.69
N ARG D 114 -8.18 13.44 41.50
CA ARG D 114 -8.94 14.65 41.22
C ARG D 114 -8.05 15.60 40.42
N ILE D 115 -8.50 15.97 39.23
CA ILE D 115 -7.74 16.83 38.33
C ILE D 115 -8.58 18.08 38.10
N GLN D 116 -8.06 19.22 38.54
CA GLN D 116 -8.74 20.51 38.44
C GLN D 116 -10.19 20.42 38.92
N GLY D 117 -10.38 19.64 39.98
CA GLY D 117 -11.70 19.53 40.59
C GLY D 117 -12.66 18.56 39.94
N ARG D 118 -12.20 17.74 38.99
CA ARG D 118 -13.03 16.68 38.41
C ARG D 118 -12.41 15.33 38.78
N LEU D 119 -13.23 14.38 39.17
CA LEU D 119 -12.73 13.07 39.52
C LEU D 119 -12.55 12.25 38.24
N VAL D 120 -11.33 11.80 38.02
CA VAL D 120 -10.98 11.00 36.86
C VAL D 120 -10.61 9.61 37.39
N HIS D 121 -11.46 8.64 37.08
CA HIS D 121 -11.13 7.21 37.14
C HIS D 121 -10.30 6.91 35.89
N GLY D 122 -8.99 6.79 36.08
CA GLY D 122 -8.13 6.75 34.92
C GLY D 122 -6.86 5.97 35.14
N GLN D 123 -5.90 6.16 34.25
CA GLN D 123 -4.66 5.43 34.26
C GLN D 123 -3.57 6.41 33.89
N SER D 124 -2.49 6.41 34.68
CA SER D 124 -1.32 7.22 34.38
C SER D 124 -0.48 6.52 33.32
N GLY D 125 0.34 7.31 32.63
CA GLY D 125 1.22 6.81 31.59
C GLY D 125 2.33 7.79 31.26
N MET D 126 3.51 7.28 30.95
CA MET D 126 4.68 8.10 30.68
C MET D 126 4.97 8.08 29.19
N LEU D 127 5.04 9.26 28.59
CA LEU D 127 5.39 9.36 27.18
C LEU D 127 6.75 8.73 26.94
N LEU D 128 6.81 7.81 25.98
CA LEU D 128 8.09 7.25 25.55
C LEU D 128 8.71 8.08 24.43
N LEU D 138 6.03 17.99 20.96
CA LEU D 138 5.85 16.57 20.66
C LEU D 138 4.98 15.83 21.69
N GLY D 139 4.52 16.56 22.71
CA GLY D 139 3.58 16.03 23.68
C GLY D 139 2.14 16.38 23.38
N THR D 140 1.28 16.21 24.38
CA THR D 140 -0.15 16.49 24.25
C THR D 140 -0.42 17.97 24.55
N ILE D 141 -1.47 18.50 23.93
CA ILE D 141 -1.81 19.91 24.06
C ILE D 141 -3.31 20.05 24.27
N PRO D 142 -3.75 21.19 24.81
CA PRO D 142 -5.20 21.42 24.90
C PRO D 142 -5.83 21.26 23.53
N GLY D 143 -7.01 20.67 23.50
CA GLY D 143 -7.64 20.21 22.29
C GLY D 143 -7.55 18.71 22.07
N ASP D 144 -6.59 18.02 22.71
CA ASP D 144 -6.38 16.61 22.43
C ASP D 144 -7.22 15.64 23.27
N CYS D 145 -7.99 16.10 24.26
CA CYS D 145 -8.73 15.14 25.09
C CYS D 145 -9.82 14.43 24.27
N GLY D 146 -10.07 13.17 24.63
CA GLY D 146 -10.92 12.26 23.88
C GLY D 146 -10.16 11.32 22.97
N ALA D 147 -8.93 11.66 22.63
CA ALA D 147 -8.10 10.79 21.82
C ALA D 147 -7.97 9.40 22.45
N PRO D 148 -8.09 8.34 21.66
CA PRO D 148 -8.10 6.98 22.21
C PRO D 148 -6.72 6.45 22.49
N TYR D 149 -6.59 5.73 23.60
CA TYR D 149 -5.42 4.93 23.90
C TYR D 149 -5.71 3.51 23.43
N VAL D 150 -4.89 2.97 22.53
CA VAL D 150 -5.19 1.71 21.88
C VAL D 150 -3.97 0.80 21.98
N HIS D 151 -4.20 -0.50 21.79
CA HIS D 151 -3.12 -1.47 21.66
C HIS D 151 -3.68 -2.74 21.03
N LYS D 152 -2.79 -3.58 20.52
CA LYS D 152 -3.24 -4.75 19.77
C LYS D 152 -3.38 -5.98 20.65
N ARG D 153 -4.23 -6.91 20.20
CA ARG D 153 -4.45 -8.19 20.88
C ARG D 153 -4.85 -9.29 19.87
N TRP D 157 -6.92 -4.92 17.38
CA TRP D 157 -6.75 -3.64 18.07
C TRP D 157 -7.74 -3.49 19.22
N VAL D 158 -7.26 -3.02 20.36
CA VAL D 158 -8.09 -2.79 21.53
C VAL D 158 -7.96 -1.33 21.94
N VAL D 159 -9.07 -0.75 22.36
CA VAL D 159 -9.11 0.56 22.97
C VAL D 159 -9.33 0.36 24.47
N CYS D 160 -8.62 1.16 25.28
CA CYS D 160 -8.69 0.99 26.73
C CYS D 160 -8.81 2.31 27.49
N GLY D 161 -8.80 3.45 26.83
CA GLY D 161 -9.00 4.73 27.51
C GLY D 161 -9.05 5.90 26.54
N VAL D 162 -9.44 7.06 27.09
CA VAL D 162 -9.52 8.31 26.34
C VAL D 162 -8.68 9.36 27.05
N HIS D 163 -7.95 10.17 26.28
CA HIS D 163 -7.03 11.13 26.88
C HIS D 163 -7.77 12.14 27.73
N ALA D 164 -7.25 12.40 28.93
CA ALA D 164 -7.93 13.30 29.85
C ALA D 164 -7.02 14.39 30.41
N ALA D 165 -5.74 14.10 30.63
CA ALA D 165 -4.86 15.06 31.27
C ALA D 165 -3.41 14.74 30.94
N ALA D 166 -2.52 15.67 31.30
CA ALA D 166 -1.09 15.50 31.12
C ALA D 166 -0.38 16.44 32.10
N THR D 167 0.83 16.08 32.49
CA THR D 167 1.58 16.90 33.44
C THR D 167 2.13 18.14 32.74
N LYS D 168 2.31 19.21 33.53
CA LYS D 168 2.81 20.47 32.99
C LYS D 168 4.12 20.27 32.24
N SER D 169 4.90 19.27 32.61
CA SER D 169 6.07 18.88 31.85
C SER D 169 5.78 18.81 30.36
N ASN D 171 4.72 14.34 29.08
CA ASN D 171 5.67 13.53 29.85
C ASN D 171 4.96 12.48 30.69
N THR D 172 4.06 12.92 31.57
CA THR D 172 3.07 12.06 32.19
C THR D 172 1.70 12.43 31.63
N VAL D 173 0.96 11.44 31.15
CA VAL D 173 -0.37 11.63 30.61
C VAL D 173 -1.35 10.76 31.39
N VAL D 174 -2.61 11.16 31.40
CA VAL D 174 -3.68 10.41 32.07
C VAL D 174 -4.82 10.18 31.08
N CYS D 175 -5.29 8.94 30.99
CA CYS D 175 -6.49 8.59 30.26
C CYS D 175 -7.58 8.16 31.23
N ALA D 176 -8.80 8.61 30.96
CA ALA D 176 -9.96 8.08 31.68
C ALA D 176 -10.26 6.66 31.21
N VAL D 177 -10.62 5.79 32.15
CA VAL D 177 -10.92 4.41 31.83
C VAL D 177 -12.33 4.08 32.26
N GLN D 178 -12.85 3.01 31.68
CA GLN D 178 -14.24 2.66 31.88
C GLN D 178 -14.36 1.49 32.86
N ALA D 179 -15.36 1.57 33.73
CA ALA D 179 -15.83 0.48 34.58
C ALA D 179 -15.41 -0.91 34.15
#